data_4CAA
#
_entry.id   4CAA
#
_cell.length_a   72.830
_cell.length_b   83.510
_cell.length_c   82.860
_cell.angle_alpha   90.00
_cell.angle_beta   90.00
_cell.angle_gamma   90.00
#
_symmetry.space_group_name_H-M   'P 21 21 21'
#
loop_
_entity.id
_entity.type
_entity.pdbx_description
1 polymer ANTICHYMOTRYPSIN
2 polymer ANTICHYMOTRYPSIN
#
loop_
_entity_poly.entity_id
_entity_poly.type
_entity_poly.pdbx_seq_one_letter_code
_entity_poly.pdbx_strand_id
1 'polypeptide(L)'
;THVDLGLASANVDFAFSLYKQLVLKAPDKNVIFSPLSISTALAFLSLGAHNTTLTEILKGLKFNLTETSEAEIHQSFQHL
LRTLNQSSDELQLSMGNAMFVKEQLSLLDRFTEDAKRLYGSEAFATDFQDSAAAKKLINDYVKNGTRGKITDLIKDLDSQ
TMMVLVNYIFFKAKWEMPFDPQDTHQSRFYLSKKKWVMVPMMSLHHLTIPYFRDEELSCTVVELKYTGNASALFILPDQD
KMEEVEAMLLPETLKRWRDSLEFREIGELYLPKFSISRDYNLNDILLQLGIEEAFTSKADLSGITGARNLAVSQVVHKAV
LDVFEEGREASAATAVKITLL
;
A
2 'polypeptide(L)' VETRTIVRFNRPFLMIIVPTDTQNIFFMSKVTNPKQA B
#
# COMPACT_ATOMS: atom_id res chain seq x y z
N SER A 9 -0.37 -2.62 15.47
CA SER A 9 -0.50 -1.13 15.40
C SER A 9 -1.81 -0.74 14.69
N ALA A 10 -2.01 0.57 14.54
CA ALA A 10 -3.19 1.14 13.88
C ALA A 10 -3.05 0.88 12.40
N ASN A 11 -1.83 1.06 11.92
CA ASN A 11 -1.50 0.87 10.52
C ASN A 11 -1.99 -0.45 9.93
N VAL A 12 -1.53 -1.58 10.46
CA VAL A 12 -1.96 -2.85 9.88
C VAL A 12 -3.45 -3.03 10.07
N ASP A 13 -4.03 -2.26 10.98
CA ASP A 13 -5.46 -2.29 11.27
C ASP A 13 -6.16 -1.55 10.12
N PHE A 14 -5.77 -0.29 9.88
CA PHE A 14 -6.32 0.51 8.80
C PHE A 14 -6.23 -0.29 7.51
N ALA A 15 -5.05 -0.86 7.29
CA ALA A 15 -4.74 -1.68 6.13
C ALA A 15 -5.80 -2.74 5.81
N PHE A 16 -6.11 -3.60 6.79
CA PHE A 16 -7.10 -4.64 6.60
C PHE A 16 -8.49 -4.08 6.49
N SER A 17 -8.73 -2.88 7.02
CA SER A 17 -10.05 -2.25 6.91
C SER A 17 -10.36 -1.89 5.45
N LEU A 18 -9.36 -1.30 4.80
CA LEU A 18 -9.43 -0.87 3.42
C LEU A 18 -9.54 -2.09 2.49
N TYR A 19 -8.72 -3.12 2.74
CA TYR A 19 -8.72 -4.34 1.93
C TYR A 19 -10.11 -4.92 1.78
N LYS A 20 -10.76 -5.18 2.90
CA LYS A 20 -12.10 -5.72 2.88
C LYS A 20 -13.12 -4.88 2.08
N GLN A 21 -12.93 -3.56 2.02
CA GLN A 21 -13.84 -2.72 1.25
C GLN A 21 -13.55 -2.88 -0.24
N LEU A 22 -12.26 -2.84 -0.59
CA LEU A 22 -11.80 -3.01 -1.97
C LEU A 22 -12.35 -4.31 -2.54
N VAL A 23 -12.59 -5.27 -1.65
CA VAL A 23 -13.11 -6.56 -2.03
C VAL A 23 -14.61 -6.50 -2.30
N LEU A 24 -15.37 -5.92 -1.37
CA LEU A 24 -16.82 -5.81 -1.55
C LEU A 24 -17.09 -5.06 -2.84
N LYS A 25 -16.31 -4.01 -3.07
CA LYS A 25 -16.47 -3.20 -4.27
C LYS A 25 -16.15 -3.95 -5.58
N ALA A 26 -15.57 -5.14 -5.51
CA ALA A 26 -15.22 -5.94 -6.70
C ALA A 26 -14.66 -7.30 -6.25
N PRO A 27 -15.55 -8.22 -5.86
CA PRO A 27 -15.37 -9.59 -5.36
C PRO A 27 -14.28 -10.52 -5.91
N ASP A 28 -14.33 -10.77 -7.22
CA ASP A 28 -13.38 -11.69 -7.83
C ASP A 28 -12.21 -11.13 -8.66
N LYS A 29 -11.81 -9.88 -8.39
CA LYS A 29 -10.70 -9.28 -9.12
C LYS A 29 -9.43 -9.32 -8.27
N ASN A 30 -8.25 -9.32 -8.91
CA ASN A 30 -6.97 -9.34 -8.19
C ASN A 30 -6.87 -8.02 -7.46
N VAL A 31 -6.34 -8.02 -6.24
CA VAL A 31 -6.17 -6.77 -5.51
C VAL A 31 -4.68 -6.50 -5.24
N ILE A 32 -4.30 -5.23 -5.32
CA ILE A 32 -2.92 -4.85 -5.05
C ILE A 32 -2.84 -3.37 -4.68
N PHE A 33 -2.38 -3.11 -3.45
CA PHE A 33 -2.23 -1.75 -2.97
C PHE A 33 -1.23 -1.69 -1.83
N SER A 34 -0.78 -0.47 -1.52
CA SER A 34 0.18 -0.23 -0.46
C SER A 34 -0.46 0.55 0.66
N PRO A 35 -0.70 -0.08 1.78
CA PRO A 35 -1.31 0.62 2.91
C PRO A 35 -0.48 1.80 3.40
N LEU A 36 0.79 1.53 3.74
CA LEU A 36 1.71 2.55 4.26
C LEU A 36 1.76 3.81 3.43
N SER A 37 1.64 3.65 2.12
CA SER A 37 1.67 4.80 1.25
C SER A 37 0.41 5.62 1.45
N ILE A 38 -0.71 4.98 1.77
CA ILE A 38 -1.93 5.73 1.97
C ILE A 38 -1.97 6.38 3.36
N SER A 39 -1.56 5.65 4.40
CA SER A 39 -1.56 6.20 5.75
C SER A 39 -0.64 7.42 5.89
N THR A 40 0.55 7.36 5.32
CA THR A 40 1.47 8.50 5.39
C THR A 40 0.91 9.73 4.65
N ALA A 41 0.26 9.53 3.50
CA ALA A 41 -0.33 10.65 2.73
C ALA A 41 -1.50 11.32 3.47
N LEU A 42 -2.42 10.53 4.02
CA LEU A 42 -3.55 11.11 4.75
C LEU A 42 -3.04 11.72 6.07
N ALA A 43 -2.11 11.03 6.75
CA ALA A 43 -1.53 11.54 8.00
C ALA A 43 -0.90 12.92 7.71
N PHE A 44 -0.20 13.01 6.59
CA PHE A 44 0.41 14.25 6.12
C PHE A 44 -0.72 15.30 6.13
N LEU A 45 -1.85 14.93 5.53
CA LEU A 45 -3.04 15.80 5.43
C LEU A 45 -3.44 16.38 6.80
N SER A 46 -3.29 15.59 7.85
CA SER A 46 -3.64 16.02 9.20
C SER A 46 -3.05 17.35 9.64
N LEU A 47 -1.81 17.63 9.26
CA LEU A 47 -1.16 18.89 9.64
C LEU A 47 -1.99 20.17 9.36
N GLY A 48 -2.88 20.11 8.39
CA GLY A 48 -3.68 21.28 8.09
C GLY A 48 -5.06 21.15 8.67
N ALA A 49 -5.50 19.93 8.86
CA ALA A 49 -6.81 19.67 9.41
C ALA A 49 -6.92 20.19 10.84
N HIS A 50 -8.08 20.73 11.19
CA HIS A 50 -8.34 21.24 12.53
C HIS A 50 -9.66 20.71 13.01
N ASN A 51 -9.99 21.04 14.24
CA ASN A 51 -11.26 20.65 14.86
C ASN A 51 -11.78 19.27 14.44
N THR A 52 -12.99 19.21 13.89
CA THR A 52 -13.60 17.95 13.47
C THR A 52 -12.92 17.32 12.26
N THR A 53 -12.58 18.15 11.28
CA THR A 53 -11.93 17.65 10.09
C THR A 53 -10.78 16.75 10.52
N LEU A 54 -9.92 17.27 11.39
CA LEU A 54 -8.77 16.53 11.91
C LEU A 54 -9.15 15.27 12.68
N THR A 55 -10.11 15.38 13.58
CA THR A 55 -10.57 14.25 14.38
C THR A 55 -10.93 13.09 13.47
N GLU A 56 -11.86 13.32 12.56
CA GLU A 56 -12.29 12.29 11.63
C GLU A 56 -11.12 11.57 10.96
N ILE A 57 -10.21 12.36 10.39
CA ILE A 57 -9.04 11.81 9.71
C ILE A 57 -8.26 10.85 10.58
N LEU A 58 -7.81 11.30 11.75
CA LEU A 58 -7.04 10.44 12.63
C LEU A 58 -7.74 9.14 12.98
N LYS A 59 -9.00 9.21 13.41
CA LYS A 59 -9.76 8.00 13.76
C LYS A 59 -9.96 7.06 12.56
N GLY A 60 -10.15 7.64 11.37
CA GLY A 60 -10.34 6.85 10.16
C GLY A 60 -9.12 5.99 9.93
N LEU A 61 -7.93 6.49 10.28
CA LEU A 61 -6.68 5.75 10.16
C LEU A 61 -6.48 4.76 11.30
N LYS A 62 -7.55 4.45 12.01
CA LYS A 62 -7.53 3.52 13.12
C LYS A 62 -6.57 3.87 14.27
N PHE A 63 -6.28 5.15 14.44
CA PHE A 63 -5.46 5.60 15.54
C PHE A 63 -6.46 5.83 16.70
N ASN A 64 -6.02 5.58 17.94
CA ASN A 64 -6.86 5.80 19.12
C ASN A 64 -6.48 7.17 19.72
N LEU A 65 -7.25 8.20 19.34
CA LEU A 65 -7.00 9.56 19.79
C LEU A 65 -6.89 9.86 21.28
N THR A 66 -7.15 8.86 22.14
CA THR A 66 -7.05 9.10 23.57
C THR A 66 -5.75 8.52 24.15
N GLU A 67 -5.22 7.49 23.52
CA GLU A 67 -3.96 6.89 23.94
C GLU A 67 -2.81 7.63 23.26
N THR A 68 -3.04 8.00 22.00
CA THR A 68 -2.02 8.66 21.21
C THR A 68 -2.39 10.09 20.84
N SER A 69 -1.55 11.03 21.25
CA SER A 69 -1.78 12.44 20.95
C SER A 69 -1.38 12.72 19.51
N GLU A 70 -2.00 13.76 18.94
CA GLU A 70 -1.75 14.20 17.56
C GLU A 70 -0.26 14.29 17.31
N ALA A 71 0.43 14.91 18.26
CA ALA A 71 1.85 15.09 18.15
C ALA A 71 2.58 13.76 18.15
N GLU A 72 2.05 12.80 18.89
CA GLU A 72 2.68 11.49 18.96
C GLU A 72 2.65 10.89 17.56
N ILE A 73 1.49 11.03 16.93
CA ILE A 73 1.27 10.51 15.59
C ILE A 73 2.30 11.02 14.56
N HIS A 74 2.40 12.33 14.39
CA HIS A 74 3.34 12.91 13.43
C HIS A 74 4.80 12.56 13.75
N GLN A 75 5.15 12.53 15.03
CA GLN A 75 6.53 12.22 15.43
C GLN A 75 6.91 10.84 14.92
N SER A 76 5.95 9.91 14.97
CA SER A 76 6.13 8.54 14.48
C SER A 76 6.52 8.52 12.98
N PHE A 77 5.58 8.84 12.10
CA PHE A 77 5.80 8.85 10.65
C PHE A 77 7.11 9.48 10.27
N GLN A 78 7.55 10.47 11.05
CA GLN A 78 8.83 11.11 10.82
C GLN A 78 9.89 10.05 10.96
N HIS A 79 10.00 9.50 12.16
CA HIS A 79 10.95 8.44 12.47
C HIS A 79 10.86 7.30 11.42
N LEU A 80 9.64 6.89 11.07
CA LEU A 80 9.44 5.83 10.08
C LEU A 80 10.07 6.22 8.76
N LEU A 81 9.70 7.38 8.23
CA LEU A 81 10.26 7.83 6.97
C LEU A 81 11.78 7.77 7.03
N ARG A 82 12.34 8.17 8.17
CA ARG A 82 13.78 8.19 8.38
C ARG A 82 14.38 6.84 8.16
N THR A 83 13.92 5.88 8.95
CA THR A 83 14.40 4.53 8.89
C THR A 83 14.06 3.83 7.58
N LEU A 84 12.83 4.01 7.12
CA LEU A 84 12.35 3.39 5.90
C LEU A 84 13.27 3.75 4.78
N ASN A 85 13.65 5.02 4.73
CA ASN A 85 14.55 5.49 3.69
C ASN A 85 16.00 5.09 3.97
N GLN A 86 16.23 3.78 4.05
CA GLN A 86 17.56 3.26 4.30
C GLN A 86 18.03 2.40 3.12
N SER A 87 17.61 2.78 1.92
CA SER A 87 17.97 2.06 0.71
C SER A 87 19.49 1.93 0.57
N SER A 88 20.02 0.84 1.11
CA SER A 88 21.45 0.57 1.05
C SER A 88 21.70 -0.55 0.05
N ASP A 89 22.98 -0.84 -0.18
CA ASP A 89 23.35 -1.90 -1.11
C ASP A 89 22.99 -3.26 -0.55
N GLU A 90 21.80 -3.74 -0.91
CA GLU A 90 21.27 -5.06 -0.50
C GLU A 90 19.82 -5.20 -1.07
N LEU A 91 19.02 -4.15 -0.87
CA LEU A 91 17.64 -4.08 -1.36
C LEU A 91 17.29 -2.58 -1.44
N GLN A 92 16.47 -2.21 -2.42
CA GLN A 92 16.03 -0.83 -2.62
C GLN A 92 14.67 -0.61 -1.99
N LEU A 93 14.52 0.53 -1.32
CA LEU A 93 13.26 0.87 -0.66
C LEU A 93 13.31 2.33 -0.27
N SER A 94 12.44 3.13 -0.86
CA SER A 94 12.40 4.55 -0.51
C SER A 94 10.98 5.04 -0.56
N MET A 95 10.71 6.08 0.22
CA MET A 95 9.40 6.68 0.28
C MET A 95 9.60 8.16 0.31
N GLY A 96 8.72 8.89 -0.35
CA GLY A 96 8.85 10.33 -0.36
C GLY A 96 7.52 11.05 -0.29
N ASN A 97 7.56 12.27 0.22
CA ASN A 97 6.35 13.06 0.35
C ASN A 97 6.61 14.39 -0.31
N ALA A 98 5.63 14.91 -1.02
CA ALA A 98 5.75 16.21 -1.69
C ALA A 98 4.37 16.87 -1.84
N MET A 99 4.38 18.18 -2.08
CA MET A 99 3.17 18.94 -2.23
C MET A 99 3.39 20.05 -3.23
N PHE A 100 2.68 19.98 -4.35
CA PHE A 100 2.77 20.98 -5.41
C PHE A 100 1.73 22.06 -5.13
N VAL A 101 2.13 23.17 -4.53
CA VAL A 101 1.18 24.22 -4.21
C VAL A 101 1.09 25.30 -5.27
N LYS A 102 -0.15 25.68 -5.57
CA LYS A 102 -0.47 26.71 -6.54
C LYS A 102 0.43 27.92 -6.32
N GLU A 103 1.18 28.27 -7.36
CA GLU A 103 2.12 29.38 -7.36
C GLU A 103 1.93 30.56 -6.40
N GLN A 104 0.73 31.11 -6.36
CA GLN A 104 0.46 32.25 -5.50
C GLN A 104 -0.60 32.02 -4.40
N LEU A 105 -0.30 31.09 -3.50
CA LEU A 105 -1.17 30.77 -2.39
C LEU A 105 -0.26 30.53 -1.20
N SER A 106 -0.15 31.53 -0.32
CA SER A 106 0.72 31.43 0.84
C SER A 106 0.24 30.43 1.87
N LEU A 107 1.18 29.69 2.42
CA LEU A 107 0.88 28.69 3.43
C LEU A 107 1.63 29.12 4.69
N LEU A 108 0.98 28.97 5.84
CA LEU A 108 1.58 29.33 7.13
C LEU A 108 2.98 28.71 7.30
N ASP A 109 3.89 29.47 7.90
CA ASP A 109 5.25 28.98 8.14
C ASP A 109 5.19 27.62 8.80
N ARG A 110 4.42 27.52 9.87
CA ARG A 110 4.29 26.27 10.59
C ARG A 110 4.06 25.08 9.68
N PHE A 111 3.08 25.16 8.79
CA PHE A 111 2.78 24.05 7.90
C PHE A 111 3.95 23.73 6.99
N THR A 112 4.50 24.74 6.34
CA THR A 112 5.63 24.53 5.44
C THR A 112 6.85 23.99 6.19
N GLU A 113 6.92 24.25 7.49
CA GLU A 113 8.05 23.77 8.31
C GLU A 113 7.81 22.32 8.74
N ASP A 114 6.71 22.06 9.43
CA ASP A 114 6.39 20.70 9.87
C ASP A 114 6.34 19.70 8.72
N ALA A 115 5.97 20.16 7.54
CA ALA A 115 5.90 19.29 6.36
C ALA A 115 7.28 18.82 5.96
N LYS A 116 8.26 19.72 6.02
CA LYS A 116 9.65 19.41 5.67
C LYS A 116 10.34 18.65 6.81
N ARG A 117 10.06 19.08 8.02
CA ARG A 117 10.63 18.47 9.20
C ARG A 117 10.07 17.07 9.44
N LEU A 118 8.76 16.99 9.63
CA LEU A 118 8.12 15.72 9.92
C LEU A 118 7.82 14.74 8.81
N TYR A 119 7.52 15.23 7.61
CA TYR A 119 7.19 14.31 6.51
C TYR A 119 8.15 14.42 5.30
N GLY A 120 9.17 15.29 5.39
CA GLY A 120 10.20 15.47 4.33
C GLY A 120 9.63 16.00 3.00
N SER A 121 8.96 17.14 3.01
CA SER A 121 8.23 17.58 1.86
C SER A 121 8.78 18.76 1.22
N GLU A 122 8.20 19.07 0.22
CA GLU A 122 8.72 20.11 -0.40
C GLU A 122 7.56 20.84 -0.86
N ALA A 123 7.80 22.02 -1.27
CA ALA A 123 6.76 22.81 -1.82
C ALA A 123 7.20 23.27 -3.18
N PHE A 124 6.64 22.66 -4.20
CA PHE A 124 6.97 23.04 -5.57
C PHE A 124 5.92 23.97 -6.14
N ALA A 125 6.33 25.11 -6.69
CA ALA A 125 5.37 26.07 -7.26
C ALA A 125 4.75 25.52 -8.53
N THR A 126 3.43 25.32 -8.48
CA THR A 126 2.68 24.77 -9.59
C THR A 126 1.58 25.70 -10.14
N ASP A 127 1.62 25.95 -11.44
CA ASP A 127 0.61 26.79 -12.09
C ASP A 127 -0.53 25.90 -12.57
N PHE A 128 -1.43 25.57 -11.66
CA PHE A 128 -2.54 24.70 -11.99
C PHE A 128 -3.43 25.18 -13.16
N GLN A 129 -3.28 26.44 -13.57
CA GLN A 129 -4.07 27.01 -14.68
C GLN A 129 -3.77 26.21 -15.93
N ASP A 130 -2.57 25.64 -15.94
CA ASP A 130 -2.09 24.85 -17.05
C ASP A 130 -2.22 23.39 -16.67
N SER A 131 -3.44 22.94 -16.41
CA SER A 131 -3.68 21.55 -16.01
C SER A 131 -2.92 20.51 -16.81
N ALA A 132 -2.71 20.77 -18.10
CA ALA A 132 -1.98 19.83 -18.95
C ALA A 132 -0.53 19.68 -18.46
N ALA A 133 0.13 20.81 -18.20
CA ALA A 133 1.50 20.81 -17.72
C ALA A 133 1.61 20.51 -16.21
N ALA A 134 0.64 20.97 -15.42
CA ALA A 134 0.64 20.71 -13.97
C ALA A 134 0.62 19.20 -13.77
N LYS A 135 -0.35 18.53 -14.38
CA LYS A 135 -0.46 17.09 -14.31
C LYS A 135 0.87 16.44 -14.72
N LYS A 136 1.47 16.96 -15.79
CA LYS A 136 2.75 16.46 -16.29
C LYS A 136 3.81 16.45 -15.19
N LEU A 137 4.07 17.61 -14.60
CA LEU A 137 5.07 17.69 -13.57
C LEU A 137 4.88 16.62 -12.50
N ILE A 138 3.71 16.61 -11.90
CA ILE A 138 3.38 15.64 -10.86
C ILE A 138 3.54 14.21 -11.32
N ASN A 139 3.10 13.90 -12.52
CA ASN A 139 3.25 12.54 -12.99
C ASN A 139 4.72 12.15 -13.14
N ASP A 140 5.56 13.12 -13.48
CA ASP A 140 6.99 12.88 -13.67
C ASP A 140 7.80 12.74 -12.39
N TYR A 141 7.28 13.32 -11.30
CA TYR A 141 7.90 13.24 -9.97
C TYR A 141 7.68 11.84 -9.37
N VAL A 142 6.51 11.25 -9.68
CA VAL A 142 6.12 9.92 -9.24
C VAL A 142 6.85 8.92 -10.11
N LYS A 143 6.79 9.12 -11.42
CA LYS A 143 7.47 8.22 -12.36
C LYS A 143 8.95 8.16 -11.97
N ASN A 144 9.50 9.32 -11.62
CA ASN A 144 10.88 9.47 -11.20
C ASN A 144 11.13 8.64 -9.94
N GLY A 145 10.41 8.96 -8.87
CA GLY A 145 10.56 8.25 -7.61
C GLY A 145 10.32 6.75 -7.68
N THR A 146 9.50 6.30 -8.60
CA THR A 146 9.24 4.88 -8.68
C THR A 146 10.06 4.23 -9.74
N ARG A 147 11.09 4.93 -10.23
CA ARG A 147 11.95 4.38 -11.28
C ARG A 147 11.14 3.97 -12.54
N GLY A 148 10.09 4.73 -12.83
CA GLY A 148 9.27 4.51 -14.00
C GLY A 148 8.23 3.42 -14.01
N LYS A 149 7.75 2.99 -12.84
CA LYS A 149 6.73 1.95 -12.79
C LYS A 149 5.32 2.47 -12.69
N ILE A 150 5.14 3.59 -12.00
CA ILE A 150 3.81 4.20 -11.85
C ILE A 150 3.65 5.37 -12.83
N THR A 151 3.12 5.07 -14.01
CA THR A 151 2.88 6.09 -15.02
C THR A 151 1.43 6.56 -14.95
N ASP A 152 1.25 7.87 -15.02
CA ASP A 152 -0.10 8.44 -15.02
C ASP A 152 -0.94 8.20 -13.77
N LEU A 153 -0.48 8.74 -12.65
CA LEU A 153 -1.22 8.62 -11.41
C LEU A 153 -2.37 9.62 -11.55
N ILE A 154 -2.01 10.88 -11.86
CA ILE A 154 -3.00 11.95 -12.02
C ILE A 154 -3.62 11.79 -13.39
N LYS A 155 -4.81 11.20 -13.43
CA LYS A 155 -5.52 10.99 -14.68
C LYS A 155 -6.12 12.31 -15.15
N ASP A 156 -6.76 13.03 -14.24
CA ASP A 156 -7.38 14.31 -14.59
C ASP A 156 -7.03 15.31 -13.51
N LEU A 157 -7.01 16.59 -13.84
CA LEU A 157 -6.66 17.66 -12.89
C LEU A 157 -7.59 18.88 -13.00
N ASP A 158 -8.37 19.15 -11.95
CA ASP A 158 -9.30 20.28 -11.96
C ASP A 158 -8.61 21.62 -12.22
N SER A 159 -9.32 22.54 -12.85
CA SER A 159 -8.76 23.87 -13.12
C SER A 159 -8.70 24.76 -11.87
N GLN A 160 -9.69 24.59 -10.99
CA GLN A 160 -9.80 25.34 -9.75
C GLN A 160 -8.90 24.72 -8.67
N THR A 161 -8.00 23.82 -9.07
CA THR A 161 -7.12 23.15 -8.13
C THR A 161 -6.17 24.10 -7.44
N MET A 162 -5.98 23.92 -6.14
CA MET A 162 -5.09 24.75 -5.34
C MET A 162 -3.76 24.07 -4.92
N MET A 163 -3.80 22.75 -4.70
CA MET A 163 -2.60 22.00 -4.36
C MET A 163 -2.86 20.51 -4.30
N VAL A 164 -1.79 19.74 -4.44
CA VAL A 164 -1.90 18.28 -4.39
C VAL A 164 -0.75 17.75 -3.54
N LEU A 165 -1.07 16.90 -2.57
CA LEU A 165 -0.08 16.26 -1.72
C LEU A 165 0.10 14.87 -2.30
N VAL A 166 1.34 14.41 -2.44
CA VAL A 166 1.61 13.10 -3.01
C VAL A 166 2.67 12.38 -2.21
N ASN A 167 2.55 11.07 -2.20
CA ASN A 167 3.45 10.17 -1.51
C ASN A 167 3.71 9.03 -2.50
N TYR A 168 4.82 8.32 -2.33
CA TYR A 168 5.13 7.19 -3.21
C TYR A 168 6.15 6.28 -2.52
N ILE A 169 6.09 5.00 -2.86
CA ILE A 169 7.01 4.00 -2.31
C ILE A 169 7.57 3.07 -3.42
N PHE A 170 8.89 2.91 -3.43
CA PHE A 170 9.59 2.07 -4.40
C PHE A 170 10.29 1.01 -3.57
N PHE A 171 10.22 -0.24 -4.01
CA PHE A 171 10.83 -1.38 -3.31
C PHE A 171 11.39 -2.42 -4.29
N LYS A 172 12.69 -2.71 -4.19
CA LYS A 172 13.30 -3.68 -5.10
C LYS A 172 14.27 -4.57 -4.35
N ALA A 173 13.94 -5.84 -4.22
CA ALA A 173 14.80 -6.74 -3.49
C ALA A 173 14.71 -8.12 -4.07
N LYS A 174 15.86 -8.76 -4.27
CA LYS A 174 15.86 -10.10 -4.82
C LYS A 174 15.44 -11.04 -3.73
N TRP A 175 15.06 -12.25 -4.13
CA TRP A 175 14.66 -13.26 -3.16
C TRP A 175 15.91 -13.59 -2.35
N GLU A 176 15.83 -14.65 -1.56
CA GLU A 176 16.97 -15.09 -0.77
C GLU A 176 17.35 -16.51 -1.19
N MET A 177 16.46 -17.15 -1.93
CA MET A 177 16.62 -18.50 -2.48
C MET A 177 15.86 -18.31 -3.78
N PRO A 178 16.51 -17.79 -4.81
CA PRO A 178 15.83 -17.57 -6.10
C PRO A 178 15.26 -18.80 -6.78
N PHE A 179 14.37 -18.55 -7.72
CA PHE A 179 13.77 -19.62 -8.50
C PHE A 179 14.70 -19.63 -9.75
N ASP A 180 14.93 -20.80 -10.33
CA ASP A 180 15.79 -20.90 -11.51
C ASP A 180 14.90 -20.96 -12.73
N PRO A 181 15.03 -20.01 -13.67
CA PRO A 181 14.23 -19.94 -14.90
C PRO A 181 14.00 -21.28 -15.61
N GLN A 182 14.98 -22.17 -15.48
CA GLN A 182 14.89 -23.48 -16.10
C GLN A 182 13.70 -24.26 -15.59
N ASP A 183 13.24 -23.92 -14.40
CA ASP A 183 12.14 -24.61 -13.74
C ASP A 183 10.73 -24.08 -13.90
N THR A 184 10.55 -22.98 -14.60
CA THR A 184 9.23 -22.41 -14.79
C THR A 184 8.45 -23.18 -15.86
N HIS A 185 7.18 -23.52 -15.60
CA HIS A 185 6.41 -24.29 -16.58
C HIS A 185 4.93 -24.02 -16.64
N GLN A 186 4.35 -24.24 -17.82
CA GLN A 186 2.92 -24.00 -18.01
C GLN A 186 2.15 -25.03 -17.26
N SER A 187 1.30 -24.60 -16.34
CA SER A 187 0.49 -25.52 -15.54
C SER A 187 -0.89 -24.96 -15.21
N ARG A 188 -1.77 -25.79 -14.64
CA ARG A 188 -3.12 -25.36 -14.33
C ARG A 188 -3.21 -24.48 -13.11
N PHE A 189 -4.01 -23.41 -13.25
CA PHE A 189 -4.32 -22.50 -12.15
C PHE A 189 -5.83 -22.56 -12.18
N TYR A 190 -6.41 -23.00 -11.08
CA TYR A 190 -7.85 -23.12 -11.00
C TYR A 190 -8.54 -21.86 -10.55
N LEU A 191 -9.23 -21.22 -11.48
CA LEU A 191 -10.00 -20.02 -11.17
C LEU A 191 -11.09 -20.47 -10.18
N SER A 192 -11.52 -21.72 -10.31
CA SER A 192 -12.54 -22.34 -9.45
C SER A 192 -12.45 -23.84 -9.70
N LYS A 193 -13.22 -24.61 -8.93
CA LYS A 193 -13.21 -26.07 -9.04
C LYS A 193 -13.23 -26.68 -10.43
N LYS A 194 -14.13 -26.24 -11.29
CA LYS A 194 -14.19 -26.81 -12.64
C LYS A 194 -13.79 -25.80 -13.68
N LYS A 195 -13.02 -24.78 -13.27
CA LYS A 195 -12.59 -23.71 -14.19
C LYS A 195 -11.09 -23.51 -13.99
N TRP A 196 -10.32 -23.80 -15.03
CA TRP A 196 -8.88 -23.63 -14.94
C TRP A 196 -8.28 -22.99 -16.17
N VAL A 197 -7.03 -22.52 -16.03
CA VAL A 197 -6.29 -21.84 -17.09
C VAL A 197 -4.82 -22.27 -16.98
N MET A 198 -4.03 -22.06 -18.03
CA MET A 198 -2.60 -22.45 -17.98
C MET A 198 -1.71 -21.25 -17.64
N VAL A 199 -0.82 -21.36 -16.66
CA VAL A 199 0.05 -20.23 -16.33
C VAL A 199 1.43 -20.74 -15.97
N PRO A 200 2.47 -19.88 -16.10
CA PRO A 200 3.87 -20.17 -15.79
C PRO A 200 4.00 -20.35 -14.31
N MET A 201 4.28 -21.57 -13.88
CA MET A 201 4.43 -21.88 -12.47
C MET A 201 5.93 -22.04 -12.10
N MET A 202 6.42 -21.20 -11.19
CA MET A 202 7.82 -21.25 -10.68
C MET A 202 7.95 -22.39 -9.65
N SER A 203 9.16 -22.90 -9.38
CA SER A 203 9.31 -24.02 -8.43
C SER A 203 10.51 -23.85 -7.54
N LEU A 204 10.66 -24.79 -6.59
CA LEU A 204 11.80 -24.86 -5.65
C LEU A 204 11.72 -26.23 -4.99
N HIS A 205 12.86 -26.90 -4.81
CA HIS A 205 12.90 -28.24 -4.19
C HIS A 205 13.71 -28.33 -2.87
N HIS A 206 13.26 -29.23 -1.97
CA HIS A 206 13.88 -29.44 -0.66
C HIS A 206 14.26 -28.10 -0.10
N LEU A 207 13.23 -27.32 0.17
CA LEU A 207 13.32 -25.96 0.66
C LEU A 207 13.08 -25.93 2.17
N THR A 208 13.82 -25.12 2.91
CA THR A 208 13.63 -25.04 4.35
C THR A 208 13.12 -23.62 4.58
N ILE A 209 11.83 -23.50 4.85
CA ILE A 209 11.23 -22.18 5.07
C ILE A 209 10.22 -22.20 6.21
N PRO A 210 9.91 -21.02 6.81
CA PRO A 210 8.95 -20.99 7.91
C PRO A 210 7.59 -21.49 7.38
N TYR A 211 6.88 -22.25 8.21
CA TYR A 211 5.62 -22.85 7.78
C TYR A 211 4.60 -22.93 8.92
N PHE A 212 3.32 -22.94 8.56
CA PHE A 212 2.23 -23.05 9.53
C PHE A 212 0.92 -23.41 8.83
N ARG A 213 0.38 -24.57 9.19
CA ARG A 213 -0.87 -25.05 8.64
C ARG A 213 -1.82 -24.58 9.72
N ASP A 214 -2.65 -23.63 9.34
CA ASP A 214 -3.64 -23.04 10.22
C ASP A 214 -4.92 -23.87 10.09
N GLU A 215 -5.15 -24.75 11.04
CA GLU A 215 -6.33 -25.59 11.00
C GLU A 215 -7.59 -24.81 11.29
N GLU A 216 -7.53 -23.87 12.24
CA GLU A 216 -8.71 -23.10 12.58
C GLU A 216 -9.33 -22.40 11.36
N LEU A 217 -8.57 -21.51 10.73
CA LEU A 217 -9.09 -20.79 9.56
C LEU A 217 -8.91 -21.59 8.27
N SER A 218 -8.41 -22.83 8.35
CA SER A 218 -8.19 -23.69 7.18
C SER A 218 -7.40 -23.06 5.99
N CYS A 219 -6.10 -22.84 6.21
CA CYS A 219 -5.21 -22.25 5.21
C CYS A 219 -3.75 -22.47 5.64
N THR A 220 -2.85 -22.55 4.68
CA THR A 220 -1.42 -22.74 4.95
C THR A 220 -0.63 -21.46 4.74
N VAL A 221 0.09 -21.05 5.77
CA VAL A 221 0.90 -19.85 5.71
C VAL A 221 2.35 -20.30 5.45
N VAL A 222 3.08 -19.54 4.62
CA VAL A 222 4.48 -19.86 4.27
C VAL A 222 5.25 -18.55 4.18
N GLU A 223 6.57 -18.56 4.41
CA GLU A 223 7.36 -17.32 4.35
C GLU A 223 8.63 -17.38 3.49
N LEU A 224 8.78 -16.40 2.60
CA LEU A 224 9.93 -16.30 1.70
C LEU A 224 10.58 -14.93 1.84
N LYS A 225 11.82 -14.91 2.30
CA LYS A 225 12.56 -13.67 2.52
C LYS A 225 13.26 -13.05 1.30
N TYR A 226 13.36 -11.73 1.29
CA TYR A 226 14.05 -10.98 0.25
C TYR A 226 15.39 -10.69 0.90
N THR A 227 16.43 -10.41 0.13
CA THR A 227 17.72 -10.08 0.75
C THR A 227 17.57 -8.77 1.53
N GLY A 228 17.64 -8.83 2.85
CA GLY A 228 17.50 -7.61 3.63
C GLY A 228 16.35 -7.69 4.59
N ASN A 229 16.04 -6.59 5.26
CA ASN A 229 14.95 -6.58 6.22
C ASN A 229 13.55 -6.51 5.60
N ALA A 230 13.14 -7.54 4.85
CA ALA A 230 11.79 -7.57 4.23
C ALA A 230 11.42 -8.97 3.81
N SER A 231 10.14 -9.30 3.84
CA SER A 231 9.70 -10.64 3.43
C SER A 231 8.26 -10.70 2.91
N ALA A 232 7.93 -11.82 2.26
CA ALA A 232 6.61 -12.03 1.68
C ALA A 232 5.90 -13.17 2.37
N LEU A 233 4.73 -12.87 2.94
CA LEU A 233 3.91 -13.85 3.65
C LEU A 233 2.84 -14.28 2.67
N PHE A 234 2.79 -15.57 2.35
CA PHE A 234 1.78 -16.09 1.42
C PHE A 234 0.73 -16.93 2.18
N ILE A 235 -0.55 -16.74 1.88
CA ILE A 235 -1.60 -17.51 2.55
C ILE A 235 -2.46 -18.21 1.50
N LEU A 236 -2.37 -19.54 1.42
CA LEU A 236 -3.16 -20.27 0.44
C LEU A 236 -4.41 -20.84 1.10
N PRO A 237 -5.53 -20.10 1.06
CA PRO A 237 -6.79 -20.59 1.68
C PRO A 237 -7.25 -21.88 1.03
N ASP A 238 -7.89 -22.75 1.80
CA ASP A 238 -8.35 -24.00 1.25
C ASP A 238 -9.39 -23.76 0.16
N GLN A 239 -9.65 -24.77 -0.65
CA GLN A 239 -10.64 -24.66 -1.71
C GLN A 239 -11.97 -24.26 -1.09
N ASP A 240 -12.45 -23.07 -1.44
CA ASP A 240 -13.69 -22.47 -0.96
C ASP A 240 -13.61 -21.84 0.43
N LYS A 241 -12.39 -21.66 0.92
CA LYS A 241 -12.20 -21.06 2.22
C LYS A 241 -11.72 -19.63 2.16
N MET A 242 -11.70 -19.03 0.97
CA MET A 242 -11.22 -17.65 0.86
C MET A 242 -12.11 -16.66 1.62
N GLU A 243 -13.42 -16.79 1.45
CA GLU A 243 -14.39 -15.92 2.11
C GLU A 243 -14.17 -15.88 3.61
N GLU A 244 -14.06 -17.07 4.22
CA GLU A 244 -13.82 -17.21 5.65
C GLU A 244 -12.52 -16.51 6.02
N VAL A 245 -11.47 -16.85 5.29
CA VAL A 245 -10.14 -16.27 5.51
C VAL A 245 -10.15 -14.76 5.49
N GLU A 246 -10.68 -14.16 4.43
CA GLU A 246 -10.71 -12.71 4.32
C GLU A 246 -11.48 -12.03 5.45
N ALA A 247 -12.48 -12.73 6.00
CA ALA A 247 -13.29 -12.17 7.09
C ALA A 247 -12.50 -12.02 8.39
N MET A 248 -11.51 -12.89 8.59
CA MET A 248 -10.67 -12.90 9.78
C MET A 248 -9.35 -12.15 9.65
N LEU A 249 -9.17 -11.37 8.60
CA LEU A 249 -7.94 -10.62 8.46
C LEU A 249 -8.01 -9.50 9.51
N LEU A 250 -7.53 -9.81 10.70
CA LEU A 250 -7.53 -8.86 11.80
C LEU A 250 -6.11 -8.73 12.27
N PRO A 251 -5.71 -7.55 12.74
CA PRO A 251 -4.33 -7.36 13.22
C PRO A 251 -3.86 -8.47 14.19
N GLU A 252 -4.81 -9.13 14.84
CA GLU A 252 -4.51 -10.21 15.77
C GLU A 252 -4.17 -11.50 15.03
N THR A 253 -4.83 -11.72 13.89
CA THR A 253 -4.59 -12.90 13.08
C THR A 253 -3.17 -12.84 12.56
N LEU A 254 -2.79 -11.71 11.98
CA LEU A 254 -1.44 -11.57 11.44
C LEU A 254 -0.35 -11.86 12.49
N LYS A 255 -0.48 -11.31 13.69
CA LYS A 255 0.52 -11.58 14.73
C LYS A 255 0.52 -13.08 15.07
N ARG A 256 -0.65 -13.69 15.15
CA ARG A 256 -0.66 -15.10 15.49
C ARG A 256 0.04 -15.91 14.42
N TRP A 257 -0.20 -15.57 13.16
CA TRP A 257 0.43 -16.28 12.05
C TRP A 257 1.94 -16.15 12.13
N ARG A 258 2.41 -14.91 12.21
CA ARG A 258 3.83 -14.60 12.29
C ARG A 258 4.47 -15.34 13.45
N ASP A 259 3.77 -15.34 14.58
CA ASP A 259 4.28 -15.99 15.77
C ASP A 259 4.21 -17.52 15.73
N SER A 260 3.41 -18.08 14.83
CA SER A 260 3.28 -19.53 14.74
C SER A 260 4.23 -20.21 13.75
N LEU A 261 4.78 -19.45 12.80
CA LEU A 261 5.70 -20.03 11.81
C LEU A 261 6.94 -20.70 12.40
N GLU A 262 7.16 -21.95 12.01
CA GLU A 262 8.30 -22.76 12.46
C GLU A 262 8.96 -23.31 11.20
N PHE A 263 10.28 -23.48 11.22
CA PHE A 263 11.01 -24.00 10.05
C PHE A 263 10.64 -25.44 9.60
N ARG A 264 10.42 -25.62 8.30
CA ARG A 264 10.08 -26.95 7.77
C ARG A 264 10.71 -27.18 6.40
N GLU A 265 11.05 -28.43 6.10
CA GLU A 265 11.64 -28.79 4.83
C GLU A 265 10.55 -29.28 3.91
N ILE A 266 10.26 -28.45 2.93
CA ILE A 266 9.24 -28.70 1.95
C ILE A 266 9.78 -29.39 0.68
N GLY A 267 9.18 -30.54 0.34
CA GLY A 267 9.63 -31.30 -0.81
C GLY A 267 9.73 -30.50 -2.09
N GLU A 268 8.71 -29.68 -2.35
CA GLU A 268 8.67 -28.85 -3.54
C GLU A 268 7.60 -27.77 -3.35
N LEU A 269 7.91 -26.56 -3.79
CA LEU A 269 6.97 -25.46 -3.65
C LEU A 269 6.68 -24.88 -5.02
N TYR A 270 5.47 -24.41 -5.21
CA TYR A 270 5.04 -23.84 -6.49
C TYR A 270 4.38 -22.47 -6.34
N LEU A 271 4.87 -21.49 -7.10
CA LEU A 271 4.33 -20.14 -7.03
C LEU A 271 4.22 -19.62 -8.44
N PRO A 272 3.08 -19.01 -8.81
CA PRO A 272 2.84 -18.46 -10.15
C PRO A 272 3.65 -17.18 -10.43
N LYS A 273 4.31 -17.10 -11.59
CA LYS A 273 5.05 -15.90 -11.96
C LYS A 273 3.96 -14.95 -12.46
N PHE A 274 3.93 -13.72 -11.98
CA PHE A 274 2.85 -12.81 -12.42
C PHE A 274 3.14 -11.35 -12.20
N SER A 275 2.30 -10.50 -12.81
CA SER A 275 2.40 -9.05 -12.64
C SER A 275 1.00 -8.45 -12.69
N ILE A 276 0.66 -7.70 -11.64
CA ILE A 276 -0.66 -7.09 -11.55
C ILE A 276 -0.51 -5.61 -11.21
N SER A 277 -1.40 -4.81 -11.79
CA SER A 277 -1.39 -3.37 -11.61
C SER A 277 -2.82 -2.85 -11.49
N ARG A 278 -3.19 -2.30 -10.33
CA ARG A 278 -4.53 -1.79 -10.13
C ARG A 278 -4.49 -0.38 -9.59
N ASP A 279 -5.50 0.41 -9.95
CA ASP A 279 -5.61 1.80 -9.48
C ASP A 279 -6.99 2.07 -8.92
N TYR A 280 -7.09 2.99 -7.97
CA TYR A 280 -8.36 3.25 -7.34
C TYR A 280 -8.64 4.70 -7.09
N ASN A 281 -9.90 4.97 -6.76
CA ASN A 281 -10.39 6.27 -6.33
C ASN A 281 -10.98 5.90 -4.97
N LEU A 282 -10.26 6.27 -3.92
CA LEU A 282 -10.63 5.94 -2.55
C LEU A 282 -11.75 6.77 -1.87
N ASN A 283 -12.25 7.81 -2.54
CA ASN A 283 -13.31 8.67 -1.99
C ASN A 283 -14.38 7.92 -1.20
N ASP A 284 -15.08 7.02 -1.89
CA ASP A 284 -16.14 6.20 -1.34
C ASP A 284 -15.69 5.39 -0.11
N ILE A 285 -14.59 4.67 -0.25
CA ILE A 285 -14.08 3.85 0.84
C ILE A 285 -13.71 4.73 2.00
N LEU A 286 -12.96 5.80 1.75
CA LEU A 286 -12.58 6.69 2.85
C LEU A 286 -13.81 7.26 3.56
N LEU A 287 -14.88 7.54 2.80
CA LEU A 287 -16.12 8.07 3.36
C LEU A 287 -16.83 7.00 4.21
N GLN A 288 -16.60 5.73 3.90
CA GLN A 288 -17.20 4.65 4.66
C GLN A 288 -16.40 4.41 5.92
N LEU A 289 -15.12 4.78 5.90
CA LEU A 289 -14.26 4.64 7.07
C LEU A 289 -14.48 5.80 8.03
N GLY A 290 -15.28 6.79 7.61
CA GLY A 290 -15.56 7.93 8.45
C GLY A 290 -14.93 9.26 8.09
N ILE A 291 -14.19 9.33 6.99
CA ILE A 291 -13.57 10.60 6.61
C ILE A 291 -14.53 11.34 5.69
N GLU A 292 -15.47 12.06 6.31
CA GLU A 292 -16.53 12.79 5.60
C GLU A 292 -16.48 14.32 5.48
N GLU A 293 -16.19 15.01 6.59
CA GLU A 293 -16.14 16.48 6.63
C GLU A 293 -15.12 17.13 5.72
N ALA A 294 -13.98 16.44 5.57
CA ALA A 294 -12.89 16.91 4.73
C ALA A 294 -13.33 17.01 3.26
N PHE A 295 -14.45 16.40 2.92
CA PHE A 295 -14.94 16.43 1.54
C PHE A 295 -16.03 17.49 1.26
N THR A 296 -16.54 18.10 2.32
CA THR A 296 -17.59 19.10 2.16
C THR A 296 -17.09 20.50 2.43
N SER A 297 -18.04 21.43 2.38
CA SER A 297 -17.79 22.84 2.63
C SER A 297 -17.38 23.00 4.09
N LYS A 298 -17.93 22.15 4.95
CA LYS A 298 -17.64 22.19 6.39
C LYS A 298 -16.21 21.84 6.72
N ALA A 299 -15.43 21.52 5.70
CA ALA A 299 -14.03 21.14 5.88
C ALA A 299 -13.15 22.25 6.48
N ASP A 300 -12.43 21.89 7.54
CA ASP A 300 -11.54 22.84 8.20
C ASP A 300 -10.10 22.45 7.96
N LEU A 301 -9.45 23.12 7.01
CA LEU A 301 -8.05 22.84 6.75
C LEU A 301 -7.23 24.11 6.99
N SER A 302 -7.68 24.90 7.96
CA SER A 302 -7.06 26.17 8.36
C SER A 302 -5.57 26.13 8.76
N GLY A 303 -5.01 24.93 8.90
CA GLY A 303 -3.60 24.80 9.25
C GLY A 303 -2.70 25.06 8.06
N ILE A 304 -3.27 24.99 6.86
CA ILE A 304 -2.50 25.22 5.64
C ILE A 304 -2.32 26.70 5.34
N THR A 305 -3.42 27.45 5.30
CA THR A 305 -3.38 28.88 4.96
C THR A 305 -3.83 29.86 6.02
N GLY A 306 -4.33 29.34 7.14
CA GLY A 306 -4.83 30.22 8.18
C GLY A 306 -6.31 30.37 7.95
N ALA A 307 -6.69 30.61 6.70
CA ALA A 307 -8.10 30.75 6.32
C ALA A 307 -8.65 29.35 6.03
N ARG A 308 -9.95 29.18 6.22
CA ARG A 308 -10.55 27.89 5.96
C ARG A 308 -11.09 27.96 4.54
N ASN A 309 -10.20 27.85 3.56
CA ASN A 309 -10.60 27.93 2.15
C ASN A 309 -10.12 26.79 1.24
N LEU A 310 -10.00 25.59 1.81
CA LEU A 310 -9.58 24.41 1.05
C LEU A 310 -10.44 23.22 1.48
N ALA A 311 -10.56 22.24 0.58
CA ALA A 311 -11.35 21.02 0.85
C ALA A 311 -10.88 19.91 -0.08
N VAL A 312 -10.97 18.67 0.38
CA VAL A 312 -10.55 17.53 -0.42
C VAL A 312 -11.49 17.26 -1.59
N SER A 313 -10.90 17.06 -2.76
CA SER A 313 -11.63 16.80 -4.01
C SER A 313 -11.77 15.29 -4.15
N GLN A 314 -10.62 14.62 -4.22
CA GLN A 314 -10.60 13.17 -4.32
C GLN A 314 -9.20 12.66 -4.01
N VAL A 315 -9.14 11.39 -3.62
CA VAL A 315 -7.90 10.73 -3.28
C VAL A 315 -7.81 9.47 -4.13
N VAL A 316 -6.78 9.43 -4.98
CA VAL A 316 -6.55 8.32 -5.90
C VAL A 316 -5.31 7.56 -5.48
N HIS A 317 -5.13 6.35 -6.02
CA HIS A 317 -3.99 5.51 -5.67
C HIS A 317 -3.71 4.44 -6.72
N LYS A 318 -2.46 4.35 -7.18
CA LYS A 318 -2.06 3.37 -8.16
C LYS A 318 -0.96 2.50 -7.57
N ALA A 319 -0.94 1.23 -7.94
CA ALA A 319 0.07 0.31 -7.42
C ALA A 319 0.40 -0.75 -8.46
N VAL A 320 1.61 -1.30 -8.38
CA VAL A 320 2.11 -2.33 -9.32
C VAL A 320 2.98 -3.35 -8.57
N LEU A 321 2.83 -4.62 -8.93
CA LEU A 321 3.59 -5.70 -8.29
C LEU A 321 4.02 -6.63 -9.41
N ASP A 322 5.30 -7.02 -9.38
CA ASP A 322 5.87 -7.91 -10.36
C ASP A 322 6.48 -9.05 -9.54
N VAL A 323 6.00 -10.27 -9.72
CA VAL A 323 6.55 -11.44 -9.01
C VAL A 323 7.23 -12.36 -10.01
N PHE A 324 8.56 -12.25 -10.08
CA PHE A 324 9.39 -13.03 -11.00
C PHE A 324 10.43 -13.87 -10.27
N GLU A 325 11.13 -14.72 -11.03
CA GLU A 325 12.16 -15.64 -10.54
C GLU A 325 13.26 -14.98 -9.75
N GLU A 326 13.37 -13.68 -9.90
CA GLU A 326 14.36 -12.90 -9.20
C GLU A 326 13.67 -11.94 -8.21
N GLY A 327 12.48 -12.34 -7.75
CA GLY A 327 11.71 -11.52 -6.82
C GLY A 327 11.09 -10.37 -7.57
N ARG A 328 11.98 -9.46 -7.98
CA ARG A 328 11.67 -8.27 -8.75
C ARG A 328 11.28 -6.98 -8.06
N GLU A 329 10.02 -6.55 -8.18
CA GLU A 329 9.64 -5.28 -7.59
C GLU A 329 8.16 -4.99 -7.36
N ALA A 330 7.91 -3.90 -6.62
CA ALA A 330 6.58 -3.41 -6.26
C ALA A 330 6.71 -1.91 -6.02
N SER A 331 5.69 -1.16 -6.41
CA SER A 331 5.68 0.29 -6.21
C SER A 331 4.23 0.69 -6.13
N ALA A 332 3.98 1.86 -5.52
CA ALA A 332 2.64 2.42 -5.37
C ALA A 332 2.80 3.91 -5.10
N ALA A 333 1.79 4.70 -5.41
CA ALA A 333 1.86 6.13 -5.12
C ALA A 333 0.45 6.62 -4.81
N THR A 334 0.33 7.73 -4.08
CA THR A 334 -0.95 8.30 -3.71
C THR A 334 -0.96 9.83 -3.77
N ALA A 335 -2.09 10.41 -4.18
CA ALA A 335 -2.21 11.87 -4.29
C ALA A 335 -3.55 12.35 -3.81
N VAL A 336 -3.54 13.46 -3.08
CA VAL A 336 -4.74 14.07 -2.52
C VAL A 336 -5.01 15.40 -3.25
N LYS A 337 -5.95 15.44 -4.20
CA LYS A 337 -6.23 16.67 -4.97
C LYS A 337 -7.07 17.69 -4.21
N ILE A 338 -6.45 18.73 -3.67
CA ILE A 338 -7.18 19.74 -2.91
C ILE A 338 -7.64 20.91 -3.73
N THR A 339 -8.90 21.29 -3.56
CA THR A 339 -9.44 22.41 -4.30
C THR A 339 -9.91 23.53 -3.35
N LEU A 340 -10.20 24.69 -3.94
CA LEU A 340 -10.64 25.85 -3.18
C LEU A 340 -12.02 25.60 -2.60
N LEU A 341 -12.31 26.26 -1.48
CA LEU A 341 -13.59 26.15 -0.80
C LEU A 341 -14.10 27.55 -0.53
N ARG B 4 7.30 -35.69 1.55
CA ARG B 4 7.61 -34.29 1.98
C ARG B 4 6.40 -33.41 1.70
N THR B 5 6.16 -32.42 2.56
CA THR B 5 5.02 -31.53 2.40
C THR B 5 5.16 -30.73 1.12
N ILE B 6 4.05 -30.54 0.43
CA ILE B 6 4.05 -29.79 -0.80
C ILE B 6 3.20 -28.55 -0.68
N VAL B 7 3.74 -27.49 -1.16
CA VAL B 7 2.96 -26.23 -1.26
C VAL B 7 2.77 -25.86 -2.73
N ARG B 8 1.55 -25.91 -3.17
CA ARG B 8 1.25 -25.64 -4.57
C ARG B 8 0.21 -24.53 -4.70
N PHE B 9 0.68 -23.31 -4.91
CA PHE B 9 -0.21 -22.16 -5.06
C PHE B 9 -0.90 -22.18 -6.40
N ASN B 10 -1.83 -23.11 -6.58
CA ASN B 10 -2.52 -23.17 -7.85
C ASN B 10 -4.03 -22.87 -7.81
N ARG B 11 -4.41 -22.03 -6.84
CA ARG B 11 -5.79 -21.54 -6.67
C ARG B 11 -5.58 -20.19 -6.00
N PRO B 12 -6.61 -19.32 -5.99
CA PRO B 12 -6.52 -17.99 -5.36
C PRO B 12 -5.79 -18.00 -4.03
N PHE B 13 -4.95 -17.00 -3.82
CA PHE B 13 -4.18 -16.88 -2.58
C PHE B 13 -3.95 -15.42 -2.15
N LEU B 14 -3.39 -15.22 -0.97
CA LEU B 14 -3.10 -13.88 -0.49
C LEU B 14 -1.57 -13.73 -0.42
N MET B 15 -1.11 -12.49 -0.30
CA MET B 15 0.31 -12.18 -0.21
C MET B 15 0.43 -10.82 0.45
N ILE B 16 1.26 -10.73 1.48
CA ILE B 16 1.49 -9.48 2.24
C ILE B 16 3.01 -9.30 2.29
N ILE B 17 3.53 -8.12 1.94
CA ILE B 17 4.99 -7.90 2.01
C ILE B 17 5.24 -7.20 3.32
N VAL B 18 5.89 -7.87 4.26
CA VAL B 18 6.13 -7.26 5.56
C VAL B 18 7.58 -7.03 5.91
N PRO B 19 7.89 -5.89 6.59
CA PRO B 19 9.27 -5.61 6.99
C PRO B 19 9.56 -6.54 8.18
N THR B 20 10.80 -6.58 8.64
CA THR B 20 11.10 -7.45 9.76
C THR B 20 10.80 -6.78 11.09
N ASP B 21 11.28 -5.56 11.27
CA ASP B 21 11.05 -4.84 12.52
C ASP B 21 9.68 -4.17 12.58
N THR B 22 9.67 -2.89 12.24
CA THR B 22 8.47 -2.04 12.22
C THR B 22 7.26 -2.68 11.53
N GLN B 23 6.42 -3.39 12.29
CA GLN B 23 5.23 -4.04 11.75
C GLN B 23 4.20 -3.05 11.21
N ASN B 24 4.22 -2.92 9.90
CA ASN B 24 3.35 -2.10 9.10
C ASN B 24 3.17 -3.02 7.91
N ILE B 25 2.46 -2.59 6.88
CA ILE B 25 2.32 -3.43 5.72
C ILE B 25 2.70 -2.61 4.49
N PHE B 26 3.73 -3.07 3.79
CA PHE B 26 4.20 -2.38 2.60
C PHE B 26 3.23 -2.57 1.43
N PHE B 27 2.94 -3.83 1.07
CA PHE B 27 2.04 -4.10 -0.04
C PHE B 27 1.10 -5.23 0.34
N MET B 28 -0.18 -5.04 0.09
CA MET B 28 -1.22 -6.03 0.39
C MET B 28 -1.76 -6.46 -0.98
N SER B 29 -1.97 -7.76 -1.17
CA SER B 29 -2.42 -8.26 -2.47
C SER B 29 -3.12 -9.60 -2.41
N LYS B 30 -3.98 -9.87 -3.39
CA LYS B 30 -4.72 -11.13 -3.50
C LYS B 30 -4.66 -11.42 -4.97
N VAL B 31 -4.34 -12.67 -5.33
CA VAL B 31 -4.27 -13.07 -6.73
C VAL B 31 -5.38 -14.05 -7.03
N THR B 32 -6.37 -13.60 -7.81
CA THR B 32 -7.52 -14.42 -8.21
C THR B 32 -7.27 -15.10 -9.58
N ASN B 33 -6.46 -14.44 -10.42
CA ASN B 33 -6.06 -14.97 -11.73
C ASN B 33 -4.74 -14.28 -12.11
N PRO B 34 -3.65 -15.07 -12.32
CA PRO B 34 -2.34 -14.57 -12.68
C PRO B 34 -2.31 -13.77 -13.97
N LYS B 35 -3.26 -14.03 -14.84
CA LYS B 35 -3.37 -13.25 -16.08
C LYS B 35 -4.48 -12.32 -15.60
N GLN B 36 -4.24 -11.02 -15.59
CA GLN B 36 -5.23 -10.05 -15.10
C GLN B 36 -6.75 -10.34 -15.27
#